data_4NYQ
#
_entry.id   4NYQ
#
_cell.length_a   32.333
_cell.length_b   33.280
_cell.length_c   40.136
_cell.angle_alpha   99.07
_cell.angle_beta   100.17
_cell.angle_gamma   103.70
#
_symmetry.space_group_name_H-M   'P 1'
#
loop_
_entity.id
_entity.type
_entity.pdbx_description
1 polymer 'Milk protein'
2 branched beta-D-mannopyranose-(1-4)-2-acetamido-2-deoxy-beta-D-glucopyranose-(1-4)-2-acetamido-2-deoxy-beta-D-glucopyranose
3 branched 2-acetamido-2-deoxy-beta-D-glucopyranose-(1-4)-2-acetamido-2-deoxy-beta-D-glucopyranose
4 non-polymer 2-acetamido-2-deoxy-beta-D-glucopyranose
5 non-polymer 'OLEIC ACID'
6 non-polymer 'LINOLEIC ACID'
7 non-polymer GLYCEROL
8 water water
#
_entity_poly.entity_id   1
_entity_poly.type   'polypeptide(L)'
_entity_poly.pdbx_seq_one_letter_code
;IAAILVANAKEPCPPENLQLTPRALVGKWYLRTTSPDIFKQVSNITEFYSAHGNDYYGTVTDYSPEYGLEAHRVNLTVSG
RTLKFYMNDTHEYDSKYEILAVDKDYFIFYGHPPAAPSGLALIHYRQSCPKEDVIKRVKKALKNVCLDYKYFGNDTSVPC
HYVE
;
_entity_poly.pdbx_strand_id   A
#
loop_
_chem_comp.id
_chem_comp.type
_chem_comp.name
_chem_comp.formula
BMA D-saccharide, beta linking beta-D-mannopyranose 'C6 H12 O6'
EIC non-polymer 'LINOLEIC ACID' 'C18 H32 O2'
GOL non-polymer GLYCEROL 'C3 H8 O3'
NAG D-saccharide, beta linking 2-acetamido-2-deoxy-beta-D-glucopyranose 'C8 H15 N O6'
OLA non-polymer 'OLEIC ACID' 'C18 H34 O2'
#
# COMPACT_ATOMS: atom_id res chain seq x y z
N LYS A 10 5.76 -5.80 -12.75
CA LYS A 10 6.78 -6.88 -12.69
C LYS A 10 6.67 -7.63 -11.38
N GLU A 11 6.89 -8.95 -11.40
CA GLU A 11 6.93 -9.71 -10.17
C GLU A 11 8.23 -9.36 -9.45
N PRO A 12 8.15 -9.15 -8.14
CA PRO A 12 9.31 -8.88 -7.33
C PRO A 12 10.04 -10.17 -7.00
N CYS A 13 11.25 -9.98 -6.46
CA CYS A 13 12.00 -11.03 -5.81
C CYS A 13 11.96 -10.81 -4.31
N PRO A 14 11.01 -11.43 -3.61
CA PRO A 14 10.89 -11.07 -2.19
C PRO A 14 12.11 -11.46 -1.35
N PRO A 15 12.34 -10.75 -0.27
CA PRO A 15 13.54 -11.10 0.54
C PRO A 15 13.40 -12.50 1.15
N GLU A 16 14.52 -13.14 1.47
CA GLU A 16 14.53 -14.49 2.02
C GLU A 16 13.70 -14.62 3.32
N ASN A 17 14.03 -13.82 4.33
CA ASN A 17 13.41 -13.93 5.66
C ASN A 17 13.11 -12.57 6.28
N LEU A 18 12.52 -11.71 5.48
CA LEU A 18 11.92 -10.50 5.98
C LEU A 18 10.87 -10.81 7.00
N GLN A 19 10.94 -10.08 8.11
CA GLN A 19 9.93 -10.16 9.15
C GLN A 19 8.98 -8.97 9.11
N LEU A 20 7.69 -9.26 9.23
CA LEU A 20 6.65 -8.29 9.47
C LEU A 20 6.33 -8.25 10.94
N THR A 21 6.83 -7.25 11.64
CA THR A 21 6.58 -7.28 13.08
C THR A 21 5.14 -6.91 13.44
N PRO A 22 4.53 -7.58 14.46
CA PRO A 22 3.20 -7.15 14.93
C PRO A 22 3.20 -5.64 15.27
N ARG A 23 2.11 -5.01 14.95
CA ARG A 23 1.87 -3.60 15.10
C ARG A 23 2.69 -2.63 14.20
N ALA A 24 3.49 -3.15 13.28
CA ALA A 24 4.24 -2.30 12.36
C ALA A 24 3.31 -1.42 11.51
N LEU A 25 2.11 -1.90 11.24
CA LEU A 25 1.17 -1.19 10.33
C LEU A 25 0.19 -0.27 11.03
N VAL A 26 0.28 -0.16 12.36
N VAL A 26 0.30 -0.15 12.37
CA VAL A 26 -0.70 0.67 13.03
CA VAL A 26 -0.63 0.71 13.12
C VAL A 26 -0.58 2.13 12.61
C VAL A 26 -0.55 2.16 12.68
N GLY A 27 -1.73 2.82 12.65
CA GLY A 27 -1.80 4.22 12.43
C GLY A 27 -2.14 4.59 11.01
N LYS A 28 -1.75 5.81 10.67
CA LYS A 28 -2.14 6.48 9.44
C LYS A 28 -1.09 6.34 8.37
N TRP A 29 -1.52 6.01 7.15
CA TRP A 29 -0.68 5.91 6.01
C TRP A 29 -1.35 6.59 4.82
N TYR A 30 -0.52 7.01 3.87
CA TYR A 30 -0.93 7.61 2.64
C TYR A 30 -0.42 6.78 1.48
N LEU A 31 -1.36 6.29 0.66
CA LEU A 31 -0.99 5.35 -0.43
C LEU A 31 -0.80 6.18 -1.67
N ARG A 32 0.44 6.57 -1.94
CA ARG A 32 0.76 7.62 -2.90
C ARG A 32 1.39 7.16 -4.19
N THR A 33 1.89 5.92 -4.26
CA THR A 33 2.71 5.48 -5.40
C THR A 33 2.46 3.99 -5.62
N THR A 34 2.16 3.61 -6.88
CA THR A 34 1.83 2.26 -7.21
C THR A 34 2.39 1.88 -8.56
N SER A 35 2.48 0.57 -8.80
CA SER A 35 2.82 0.05 -10.14
C SER A 35 1.94 -1.17 -10.41
N PRO A 36 1.11 -1.17 -11.48
CA PRO A 36 0.89 -0.01 -12.33
C PRO A 36 0.24 1.15 -11.58
N ASP A 37 0.27 2.32 -12.19
CA ASP A 37 -0.36 3.53 -11.66
C ASP A 37 -1.90 3.37 -11.61
N ILE A 38 -2.48 3.42 -10.42
CA ILE A 38 -3.91 3.29 -10.25
C ILE A 38 -4.65 4.64 -10.14
N PHE A 39 -3.90 5.74 -10.17
CA PHE A 39 -4.45 7.02 -9.71
C PHE A 39 -5.39 7.74 -10.65
N LYS A 40 -5.63 7.19 -11.84
CA LYS A 40 -6.77 7.63 -12.64
C LYS A 40 -8.08 6.94 -12.26
N GLN A 41 -8.02 5.89 -11.47
CA GLN A 41 -9.19 5.11 -11.02
C GLN A 41 -9.62 5.58 -9.64
N VAL A 42 -8.66 6.00 -8.80
CA VAL A 42 -8.89 6.36 -7.38
C VAL A 42 -7.79 7.30 -6.94
N SER A 43 -8.08 8.18 -6.00
CA SER A 43 -7.04 9.09 -5.56
C SER A 43 -7.25 9.43 -4.11
N ASN A 44 -6.26 10.18 -3.61
CA ASN A 44 -6.29 10.69 -2.23
C ASN A 44 -6.60 9.60 -1.22
N ILE A 45 -5.76 8.56 -1.23
CA ILE A 45 -5.96 7.39 -0.41
C ILE A 45 -5.29 7.50 0.95
N THR A 46 -6.09 7.45 2.00
CA THR A 46 -5.62 7.46 3.38
C THR A 46 -6.09 6.19 4.05
N GLU A 47 -5.19 5.55 4.77
CA GLU A 47 -5.45 4.32 5.51
C GLU A 47 -5.25 4.59 7.00
N PHE A 48 -6.08 4.01 7.82
CA PHE A 48 -5.93 4.05 9.26
C PHE A 48 -6.14 2.66 9.79
N TYR A 49 -5.11 2.10 10.44
CA TYR A 49 -5.14 0.73 10.96
C TYR A 49 -5.00 0.70 12.46
N SER A 50 -5.81 -0.15 13.08
CA SER A 50 -5.74 -0.50 14.48
C SER A 50 -5.32 -1.95 14.65
N ALA A 51 -4.49 -2.25 15.64
CA ALA A 51 -4.07 -3.60 15.92
C ALA A 51 -5.19 -4.40 16.55
N HIS A 52 -5.30 -5.65 16.14
CA HIS A 52 -6.16 -6.64 16.79
C HIS A 52 -5.30 -7.89 16.86
N GLY A 53 -4.52 -8.00 17.93
CA GLY A 53 -3.56 -9.07 18.00
C GLY A 53 -2.49 -8.88 16.93
N ASN A 54 -2.27 -9.91 16.14
CA ASN A 54 -1.40 -9.88 15.01
C ASN A 54 -2.07 -9.38 13.73
N ASP A 55 -3.40 -9.18 13.78
CA ASP A 55 -4.16 -8.69 12.64
C ASP A 55 -4.44 -7.21 12.80
N TYR A 56 -5.16 -6.64 11.83
CA TYR A 56 -5.54 -5.23 11.88
C TYR A 56 -6.96 -5.07 11.38
N TYR A 57 -7.58 -3.99 11.82
CA TYR A 57 -8.83 -3.51 11.24
C TYR A 57 -8.72 -2.01 11.09
N GLY A 58 -9.48 -1.43 10.20
CA GLY A 58 -9.47 -0.01 10.10
C GLY A 58 -10.31 0.53 8.98
N THR A 59 -9.89 1.68 8.48
CA THR A 59 -10.68 2.43 7.51
C THR A 59 -9.77 2.89 6.40
N VAL A 60 -10.27 2.85 5.18
CA VAL A 60 -9.63 3.45 4.00
C VAL A 60 -10.55 4.53 3.52
N THR A 61 -10.07 5.75 3.35
CA THR A 61 -10.79 6.81 2.69
C THR A 61 -10.10 7.14 1.38
N ASP A 62 -10.87 7.53 0.39
CA ASP A 62 -10.37 7.79 -0.93
C ASP A 62 -11.33 8.68 -1.67
N TYR A 63 -10.84 9.30 -2.71
CA TYR A 63 -11.68 10.06 -3.65
C TYR A 63 -11.95 9.22 -4.91
N SER A 64 -13.22 8.93 -5.11
CA SER A 64 -13.77 8.15 -6.23
C SER A 64 -14.25 9.10 -7.30
N PRO A 65 -13.85 8.88 -8.57
CA PRO A 65 -14.46 9.66 -9.66
C PRO A 65 -16.00 9.61 -9.63
N GLU A 66 -16.57 8.48 -9.26
CA GLU A 66 -18.02 8.33 -9.23
C GLU A 66 -18.67 8.90 -7.95
N TYR A 67 -18.07 8.60 -6.82
CA TYR A 67 -18.71 8.84 -5.55
C TYR A 67 -18.14 10.00 -4.74
N GLY A 68 -17.03 10.58 -5.18
CA GLY A 68 -16.34 11.60 -4.40
C GLY A 68 -15.67 10.97 -3.19
N LEU A 69 -15.44 11.74 -2.13
CA LEU A 69 -14.75 11.25 -0.93
C LEU A 69 -15.63 10.17 -0.29
N GLU A 70 -15.07 8.99 -0.07
CA GLU A 70 -15.79 7.86 0.45
C GLU A 70 -14.91 7.11 1.43
N ALA A 71 -15.54 6.29 2.26
CA ALA A 71 -14.88 5.56 3.30
C ALA A 71 -15.31 4.10 3.26
N HIS A 72 -14.38 3.23 3.61
CA HIS A 72 -14.62 1.79 3.67
C HIS A 72 -13.95 1.17 4.90
N ARG A 73 -14.60 0.25 5.59
CA ARG A 73 -13.99 -0.56 6.63
C ARG A 73 -13.18 -1.62 5.95
N VAL A 74 -12.04 -1.90 6.53
CA VAL A 74 -11.14 -2.92 6.04
C VAL A 74 -10.59 -3.80 7.13
N ASN A 75 -10.23 -5.03 6.76
CA ASN A 75 -9.56 -5.98 7.62
C ASN A 75 -8.29 -6.43 6.97
N LEU A 76 -7.23 -6.60 7.78
CA LEU A 76 -5.94 -7.19 7.35
C LEU A 76 -5.75 -8.41 8.22
N THR A 77 -5.63 -9.58 7.63
CA THR A 77 -5.37 -10.82 8.35
C THR A 77 -3.96 -11.30 8.01
N VAL A 78 -3.07 -11.30 9.01
CA VAL A 78 -1.64 -11.48 8.78
C VAL A 78 -1.20 -12.92 8.99
N SER A 79 -0.41 -13.44 8.05
CA SER A 79 0.26 -14.73 8.27
C SER A 79 1.68 -14.61 7.79
N GLY A 80 2.63 -14.55 8.72
CA GLY A 80 4.03 -14.31 8.38
C GLY A 80 4.22 -13.00 7.62
N ARG A 81 4.75 -13.12 6.42
CA ARG A 81 5.05 -12.00 5.56
C ARG A 81 3.92 -11.68 4.59
N THR A 82 2.79 -12.36 4.70
CA THR A 82 1.66 -12.04 3.86
C THR A 82 0.45 -11.67 4.64
N LEU A 83 -0.42 -10.96 3.99
CA LEU A 83 -1.66 -10.63 4.61
C LEU A 83 -2.79 -10.69 3.59
N LYS A 84 -3.98 -10.90 4.10
CA LYS A 84 -5.23 -10.82 3.32
C LYS A 84 -5.89 -9.49 3.60
N PHE A 85 -6.12 -8.73 2.51
CA PHE A 85 -6.81 -7.46 2.56
C PHE A 85 -8.26 -7.65 2.14
N TYR A 86 -9.20 -7.20 2.95
CA TYR A 86 -10.63 -7.30 2.66
C TYR A 86 -11.26 -5.96 2.94
N MET A 87 -11.95 -5.37 1.96
N MET A 87 -12.04 -5.47 1.99
CA MET A 87 -12.77 -4.17 2.21
CA MET A 87 -12.79 -4.23 2.13
C MET A 87 -14.23 -4.58 2.32
C MET A 87 -14.29 -4.52 2.17
N ASN A 88 -15.02 -3.73 2.96
CA ASN A 88 -16.37 -4.09 3.29
C ASN A 88 -17.34 -4.07 2.12
N ASP A 89 -17.27 -3.07 1.25
CA ASP A 89 -18.33 -2.80 0.29
C ASP A 89 -17.91 -2.78 -1.15
N THR A 90 -16.66 -3.11 -1.44
CA THR A 90 -16.22 -3.25 -2.81
C THR A 90 -14.93 -4.05 -2.72
N HIS A 91 -14.71 -4.91 -3.71
CA HIS A 91 -13.77 -5.98 -3.55
C HIS A 91 -12.69 -6.05 -4.59
N GLU A 92 -12.58 -4.99 -5.38
N GLU A 92 -12.61 -5.03 -5.44
CA GLU A 92 -11.66 -5.02 -6.50
CA GLU A 92 -11.66 -5.06 -6.55
C GLU A 92 -10.21 -4.99 -6.07
C GLU A 92 -10.20 -4.92 -6.10
N TYR A 93 -9.93 -4.60 -4.83
CA TYR A 93 -8.57 -4.59 -4.31
C TYR A 93 -8.32 -5.69 -3.33
N ASP A 94 -9.27 -6.58 -3.12
CA ASP A 94 -9.10 -7.66 -2.16
C ASP A 94 -8.16 -8.73 -2.73
N SER A 95 -7.18 -9.11 -1.96
CA SER A 95 -6.15 -10.06 -2.37
C SER A 95 -5.33 -10.42 -1.20
N LYS A 96 -4.60 -11.51 -1.33
CA LYS A 96 -3.39 -11.69 -0.57
C LYS A 96 -2.33 -10.70 -1.07
N TYR A 97 -1.61 -10.06 -0.14
CA TYR A 97 -0.52 -9.18 -0.44
C TYR A 97 0.72 -9.66 0.33
N GLU A 98 1.87 -9.70 -0.31
CA GLU A 98 3.15 -10.01 0.33
C GLU A 98 3.89 -8.74 0.67
N ILE A 99 4.40 -8.68 1.88
CA ILE A 99 5.25 -7.59 2.31
CA ILE A 99 5.21 -7.53 2.25
C ILE A 99 6.58 -7.65 1.58
N LEU A 100 6.97 -6.56 0.91
CA LEU A 100 8.26 -6.45 0.25
C LEU A 100 9.29 -5.67 1.05
N ALA A 101 8.84 -4.69 1.83
CA ALA A 101 9.72 -3.82 2.59
C ALA A 101 8.88 -3.17 3.66
N VAL A 102 9.51 -2.95 4.79
CA VAL A 102 8.84 -2.24 5.90
C VAL A 102 9.86 -1.35 6.58
N ASP A 103 9.44 -0.15 6.94
CA ASP A 103 10.35 0.90 7.44
C ASP A 103 9.46 1.74 8.35
N LYS A 104 10.10 2.51 9.23
CA LYS A 104 9.35 3.45 10.05
C LYS A 104 8.47 4.38 9.21
N ASP A 105 8.94 4.74 8.01
CA ASP A 105 8.32 5.80 7.21
C ASP A 105 7.52 5.26 6.01
N TYR A 106 7.60 3.98 5.70
CA TYR A 106 6.86 3.40 4.56
C TYR A 106 6.78 1.90 4.68
N PHE A 107 5.83 1.33 3.94
CA PHE A 107 5.79 -0.08 3.70
C PHE A 107 5.31 -0.36 2.28
N ILE A 108 5.72 -1.50 1.77
CA ILE A 108 5.46 -1.85 0.38
C ILE A 108 4.90 -3.24 0.32
N PHE A 109 3.72 -3.44 -0.30
N PHE A 109 3.85 -3.43 -0.50
CA PHE A 109 3.25 -4.79 -0.53
CA PHE A 109 3.19 -4.71 -0.60
C PHE A 109 2.82 -5.03 -1.97
C PHE A 109 3.05 -5.05 -2.07
N TYR A 110 2.72 -6.32 -2.33
CA TYR A 110 2.47 -6.76 -3.71
C TYR A 110 1.44 -7.86 -3.73
N GLY A 111 0.41 -7.71 -4.58
CA GLY A 111 -0.62 -8.69 -4.69
C GLY A 111 -1.20 -8.71 -6.08
N HIS A 112 -2.25 -9.48 -6.26
CA HIS A 112 -2.88 -9.66 -7.56
C HIS A 112 -4.39 -9.55 -7.46
N PRO A 113 -4.94 -8.41 -7.04
CA PRO A 113 -6.39 -8.25 -6.90
C PRO A 113 -7.05 -8.15 -8.25
N PRO A 114 -8.38 -8.24 -8.29
CA PRO A 114 -9.12 -8.11 -9.57
C PRO A 114 -8.79 -6.85 -10.30
N ALA A 115 -8.45 -5.77 -9.60
CA ALA A 115 -8.18 -4.52 -10.24
C ALA A 115 -6.88 -4.61 -11.04
N ALA A 116 -5.96 -5.53 -10.69
CA ALA A 116 -4.66 -5.63 -11.34
C ALA A 116 -4.14 -7.05 -11.18
N PRO A 117 -4.74 -7.98 -11.93
CA PRO A 117 -4.49 -9.36 -11.64
C PRO A 117 -3.11 -9.86 -12.04
N SER A 118 -2.38 -9.11 -12.89
CA SER A 118 -1.00 -9.49 -13.19
C SER A 118 -0.02 -8.96 -12.16
N GLY A 119 -0.50 -8.20 -11.18
CA GLY A 119 0.31 -7.76 -10.07
C GLY A 119 0.20 -6.28 -9.82
N LEU A 120 0.24 -5.94 -8.54
CA LEU A 120 0.08 -4.57 -8.08
C LEU A 120 1.00 -4.35 -6.89
N ALA A 121 1.94 -3.41 -7.04
CA ALA A 121 2.86 -3.00 -5.99
C ALA A 121 2.32 -1.68 -5.45
N LEU A 122 2.22 -1.61 -4.12
N LEU A 122 2.27 -1.60 -4.13
CA LEU A 122 1.63 -0.48 -3.40
CA LEU A 122 1.68 -0.47 -3.47
C LEU A 122 2.59 0.07 -2.33
C LEU A 122 2.69 0.05 -2.42
N ILE A 123 2.89 1.37 -2.43
CA ILE A 123 3.77 2.03 -1.47
C ILE A 123 2.94 2.98 -0.60
N HIS A 124 3.02 2.71 0.70
CA HIS A 124 2.29 3.40 1.76
C HIS A 124 3.30 4.21 2.53
N TYR A 125 3.01 5.48 2.75
CA TYR A 125 3.92 6.39 3.41
C TYR A 125 3.31 6.97 4.67
N ARG A 126 4.16 7.24 5.69
CA ARG A 126 3.75 7.97 6.85
C ARG A 126 3.46 9.41 6.57
N GLN A 127 4.17 9.99 5.61
CA GLN A 127 3.98 11.39 5.20
C GLN A 127 3.19 11.49 3.90
N SER A 128 2.33 12.50 3.83
CA SER A 128 1.53 12.73 2.63
C SER A 128 2.37 13.01 1.38
N CYS A 129 3.40 13.81 1.58
CA CYS A 129 4.35 14.16 0.54
C CYS A 129 5.74 13.81 1.04
N PRO A 130 6.13 12.54 0.89
CA PRO A 130 7.42 12.15 1.48
C PRO A 130 8.59 12.94 0.96
N LYS A 131 9.50 13.26 1.86
CA LYS A 131 10.69 14.02 1.53
C LYS A 131 11.65 13.16 0.74
N GLU A 132 12.65 13.81 0.15
CA GLU A 132 13.55 13.12 -0.75
C GLU A 132 14.32 12.00 -0.06
N ASP A 133 14.69 12.17 1.21
CA ASP A 133 15.40 11.09 1.88
C ASP A 133 14.61 9.79 1.93
N VAL A 134 13.29 9.90 2.18
CA VAL A 134 12.39 8.77 2.25
C VAL A 134 12.27 8.11 0.85
N ILE A 135 12.03 8.94 -0.15
CA ILE A 135 11.93 8.48 -1.51
C ILE A 135 13.18 7.74 -1.94
N LYS A 136 14.35 8.26 -1.60
CA LYS A 136 15.58 7.54 -1.95
C LYS A 136 15.64 6.15 -1.27
N ARG A 137 15.25 6.10 -0.01
CA ARG A 137 15.24 4.78 0.65
C ARG A 137 14.26 3.84 -0.03
N VAL A 138 13.11 4.36 -0.46
CA VAL A 138 12.15 3.54 -1.21
C VAL A 138 12.72 3.03 -2.54
N LYS A 139 13.42 3.90 -3.24
CA LYS A 139 14.08 3.52 -4.49
C LYS A 139 15.01 2.32 -4.28
N LYS A 140 15.82 2.43 -3.23
CA LYS A 140 16.74 1.37 -2.87
C LYS A 140 16.04 0.07 -2.47
N ALA A 141 14.97 0.21 -1.69
CA ALA A 141 14.20 -0.96 -1.25
C ALA A 141 13.57 -1.70 -2.42
N LEU A 142 13.09 -0.89 -3.36
CA LEU A 142 12.53 -1.50 -4.58
C LEU A 142 13.57 -2.26 -5.40
N LYS A 143 14.74 -1.66 -5.58
CA LYS A 143 15.80 -2.32 -6.33
C LYS A 143 16.19 -3.63 -5.65
N ASN A 144 16.21 -3.64 -4.31
CA ASN A 144 16.53 -4.84 -3.56
C ASN A 144 15.51 -5.97 -3.68
N VAL A 145 14.28 -5.66 -4.14
CA VAL A 145 13.29 -6.67 -4.46
C VAL A 145 13.00 -6.72 -5.94
N CYS A 146 13.96 -6.34 -6.78
CA CYS A 146 13.88 -6.55 -8.23
C CYS A 146 12.87 -5.68 -8.95
N LEU A 147 12.46 -4.61 -8.28
CA LEU A 147 11.54 -3.62 -8.87
C LEU A 147 12.31 -2.33 -9.13
N ASP A 148 11.65 -1.36 -9.77
CA ASP A 148 12.28 -0.11 -10.14
C ASP A 148 11.28 1.03 -10.11
N TYR A 149 11.53 1.98 -9.22
CA TYR A 149 10.69 3.14 -8.98
C TYR A 149 10.26 3.86 -10.26
N LYS A 150 11.06 3.85 -11.32
CA LYS A 150 10.69 4.61 -12.51
C LYS A 150 9.44 4.05 -13.18
N TYR A 151 9.06 2.82 -12.86
CA TYR A 151 7.89 2.17 -13.40
C TYR A 151 6.67 2.29 -12.47
N PHE A 152 6.75 3.19 -11.48
CA PHE A 152 5.63 3.50 -10.61
C PHE A 152 5.07 4.86 -10.99
N GLY A 153 3.82 5.05 -10.66
CA GLY A 153 3.16 6.34 -10.81
C GLY A 153 2.69 6.85 -9.46
N ASN A 154 2.68 8.18 -9.36
CA ASN A 154 2.25 8.88 -8.17
C ASN A 154 0.86 9.45 -8.28
N ASP A 155 0.27 9.71 -7.12
CA ASP A 155 -1.03 10.39 -7.09
C ASP A 155 -0.79 11.91 -7.27
N THR A 156 -0.88 12.38 -8.50
CA THR A 156 -0.64 13.77 -8.83
C THR A 156 -1.79 14.69 -8.38
N SER A 157 -2.91 14.14 -7.85
CA SER A 157 -4.00 14.97 -7.35
C SER A 157 -3.68 15.61 -5.99
N VAL A 158 -2.70 15.05 -5.30
CA VAL A 158 -2.32 15.52 -4.00
C VAL A 158 -1.24 16.60 -4.18
N PRO A 159 -1.47 17.81 -3.69
CA PRO A 159 -0.57 18.92 -3.99
C PRO A 159 0.72 18.83 -3.17
N CYS A 160 1.80 18.34 -3.76
CA CYS A 160 3.08 18.24 -3.08
C CYS A 160 4.09 19.29 -3.46
N HIS A 161 3.74 20.15 -4.40
CA HIS A 161 4.59 21.25 -4.84
C HIS A 161 3.74 22.45 -5.15
N TYR A 162 4.29 23.63 -5.01
CA TYR A 162 3.64 24.84 -5.51
C TYR A 162 3.77 24.94 -7.04
C1 NAG B . -8.50 13.85 0.88
C2 NAG B . -9.74 14.71 0.79
C3 NAG B . -9.93 15.47 2.08
C4 NAG B . -9.94 14.51 3.27
C5 NAG B . -8.65 13.68 3.21
C6 NAG B . -8.63 12.62 4.32
C7 NAG B . -10.11 15.36 -1.55
C8 NAG B . -10.04 16.47 -2.54
N2 NAG B . -9.71 15.62 -0.32
O3 NAG B . -11.17 16.19 2.02
O4 NAG B . -9.92 15.25 4.49
O5 NAG B . -8.62 12.98 1.98
O6 NAG B . -9.83 11.83 4.26
O7 NAG B . -10.43 14.23 -1.88
C1 NAG B . -11.09 15.02 5.28
C2 NAG B . -10.84 15.62 6.65
C3 NAG B . -12.11 15.35 7.47
C4 NAG B . -13.33 15.95 6.79
C5 NAG B . -13.36 15.51 5.33
C6 NAG B . -14.37 16.34 4.53
C7 NAG B . -8.50 15.81 7.32
C8 NAG B . -7.37 15.08 8.00
N2 NAG B . -9.64 15.10 7.26
O3 NAG B . -11.91 15.87 8.79
O4 NAG B . -14.53 15.48 7.36
O5 NAG B . -12.12 15.73 4.69
O6 NAG B . -14.07 17.71 4.50
O7 NAG B . -8.36 16.96 6.90
C1 BMA B . -15.15 16.28 8.33
C2 BMA B . -16.65 16.10 8.24
C3 BMA B . -17.30 16.93 9.32
C4 BMA B . -16.79 16.46 10.66
C5 BMA B . -15.25 16.51 10.69
C6 BMA B . -14.67 15.91 11.98
O2 BMA B . -16.93 14.75 8.49
O3 BMA B . -18.70 16.86 9.23
O4 BMA B . -17.33 17.33 11.62
O5 BMA B . -14.66 15.87 9.58
O6 BMA B . -14.73 14.50 11.96
C1 NAG C . -18.59 0.14 4.74
C2 NAG C . -20.08 0.23 4.99
C3 NAG C . -20.57 1.68 5.07
C4 NAG C . -19.74 2.46 6.07
C5 NAG C . -18.26 2.28 5.68
C6 NAG C . -17.33 3.09 6.59
C7 NAG C . -21.30 -1.68 4.14
C8 NAG C . -22.11 -2.26 3.03
N2 NAG C . -20.84 -0.46 3.97
O3 NAG C . -21.92 1.69 5.47
O4 NAG C . -20.05 3.86 6.06
O5 NAG C . -17.88 0.90 5.67
O6 NAG C . -17.50 2.68 7.90
O7 NAG C . -21.09 -2.34 5.13
C1 NAG C . -20.98 4.26 7.10
C2 NAG C . -20.83 5.75 7.31
C3 NAG C . -21.82 6.24 8.35
C4 NAG C . -23.25 5.84 8.03
C5 NAG C . -23.26 4.33 7.80
C6 NAG C . -24.63 3.89 7.32
C7 NAG C . -18.55 6.62 7.04
C8 NAG C . -17.20 6.84 7.68
N2 NAG C . -19.47 6.02 7.79
O3 NAG C . -21.67 7.64 8.58
O4 NAG C . -24.11 6.25 9.07
O5 NAG C . -22.32 3.99 6.79
O6 NAG C . -24.55 2.51 7.04
O7 NAG C . -18.75 6.97 5.86
C1 NAG D . 6.86 10.72 -8.04
C2 NAG D . 7.61 10.86 -9.39
C3 NAG D . 9.13 11.00 -9.19
C4 NAG D . 9.38 12.04 -8.10
C5 NAG D . 8.56 11.75 -6.85
C6 NAG D . 8.64 12.81 -5.77
C7 NAG D . 6.79 10.12 -11.58
C8 NAG D . 6.46 8.99 -12.53
N2 NAG D . 7.26 9.82 -10.38
O3 NAG D . 9.80 11.26 -10.43
O4 NAG D . 10.74 12.16 -7.75
O5 NAG D . 7.19 11.77 -7.19
O6 NAG D . 8.20 14.06 -6.29
O7 NAG D . 6.62 11.29 -11.93
C1 OLA E . -17.46 -0.60 -11.55
O1 OLA E . -16.88 -0.13 -12.55
O2 OLA E . -18.69 -0.55 -11.39
C2 OLA E . -16.62 -1.27 -10.48
C3 OLA E . -16.71 -0.49 -9.17
C4 OLA E . -15.31 -0.16 -8.67
C5 OLA E . -15.29 0.44 -7.25
C6 OLA E . -13.86 0.83 -6.85
C7 OLA E . -13.71 1.22 -5.38
C8 OLA E . -12.32 0.94 -4.77
C9 OLA E . -12.10 1.89 -3.60
C10 OLA E . -10.94 2.05 -2.93
C11 OLA E . -9.63 1.32 -3.23
C12 OLA E . -8.41 2.12 -2.74
C13 OLA E . -7.12 1.35 -2.98
C14 OLA E . -6.51 0.78 -1.71
C15 OLA E . -6.15 -0.69 -1.92
C16 OLA E . -5.03 -1.21 -1.02
C17 OLA E . -4.89 -2.71 -1.19
C18 OLA E . -4.07 -3.30 -0.09
C1 EIC F . -13.61 0.75 -13.36
C2 EIC F . -14.13 1.49 -12.15
C3 EIC F . -12.94 1.75 -11.25
C4 EIC F . -13.30 1.80 -9.77
C5 EIC F . -12.18 1.24 -8.90
C6 EIC F . -11.60 2.30 -7.95
C7 EIC F . -12.42 2.29 -6.67
C8 EIC F . -11.83 3.13 -5.55
C9 EIC F . -12.44 2.62 -4.27
C10 EIC F . -11.71 1.97 -3.35
C11 EIC F . -10.23 1.72 -3.50
C12 EIC F . -9.46 2.37 -2.36
C13 EIC F . -8.38 1.82 -1.78
C14 EIC F . -7.81 0.48 -2.20
C15 EIC F . -7.23 -0.25 -0.98
C16 EIC F . -5.74 -0.59 -1.12
C17 EIC F . -5.04 -0.75 0.23
C18 EIC F . -4.58 -2.18 0.43
O1 EIC F . -12.87 1.36 -14.17
O2 EIC F . -13.94 -0.45 -13.52
C1 GOL G . 4.43 11.24 -3.46
C1 GOL G . 4.87 11.85 -3.67
O1 GOL G . 5.84 10.99 -3.63
O1 GOL G . 5.67 10.66 -3.82
C2 GOL G . 3.78 11.88 -4.69
C2 GOL G . 3.68 11.85 -4.61
O2 GOL G . 4.63 12.80 -5.41
O2 GOL G . 3.99 12.74 -5.68
C3 GOL G . 2.43 12.48 -4.30
C3 GOL G . 2.45 12.28 -3.85
O3 GOL G . 1.52 11.46 -4.69
O3 GOL G . 2.75 12.09 -2.47
C1 GOL H . 3.71 -13.67 -5.07
O1 GOL H . 3.20 -12.36 -4.88
C2 GOL H . 4.54 -13.71 -6.34
O2 GOL H . 3.65 -13.47 -7.43
C3 GOL H . 5.64 -12.65 -6.46
O3 GOL H . 6.74 -12.86 -5.55
#